data_4FUA
#
_entry.id   4FUA
#
_cell.length_a   183.600
_cell.length_b   183.600
_cell.length_c   183.600
_cell.angle_alpha   90.00
_cell.angle_beta   90.00
_cell.angle_gamma   90.00
#
_symmetry.space_group_name_H-M   'F 4 3 2'
#
loop_
_entity.id
_entity.type
_entity.pdbx_description
1 polymer 'L-FUCULOSE-1-PHOSPHATE ALDOLASE'
2 non-polymer 'ZINC ION'
3 non-polymer 'SULFATE ION'
4 non-polymer BETA-MERCAPTOETHANOL
5 non-polymer 'PHOSPHOGLYCOLOHYDROXAMIC ACID'
6 water water
#
_entity_poly.entity_id   1
_entity_poly.type   'polypeptide(L)'
_entity_poly.pdbx_seq_one_letter_code
;MERNKLARQIIDTCLEMTRLGLNQGTAGNVSVRYQDGMLITPTGIPYEKLTESHIVFIDGNGKHEEGKLPSSEWRFHMAA
YQSRPDANAVVHNHAVHCTAVSILNRSIPAIHYMIAAAGGNSIPCAPYATFGTRELSEHVALALKNRKATLLQHHGLIAC
EVNLEKALWLAHEVEVLAQLYLTTLAITDPVPVLSDEEIAVVLEKFKTYGLRIEE
;
_entity_poly.pdbx_strand_id   A
#
# COMPACT_ATOMS: atom_id res chain seq x y z
N MET A 1 19.74 -0.92 -9.62
CA MET A 1 19.09 -2.21 -9.29
C MET A 1 20.09 -3.17 -8.66
N GLU A 2 20.73 -2.68 -7.60
CA GLU A 2 21.72 -3.44 -6.83
C GLU A 2 21.05 -3.75 -5.49
N ARG A 3 21.07 -5.04 -5.09
CA ARG A 3 20.45 -5.51 -3.85
C ARG A 3 20.72 -4.60 -2.66
N ASN A 4 21.94 -4.09 -2.59
CA ASN A 4 22.37 -3.23 -1.49
C ASN A 4 21.77 -1.82 -1.54
N LYS A 5 21.66 -1.27 -2.74
CA LYS A 5 21.08 0.06 -2.91
C LYS A 5 19.59 -0.01 -2.65
N LEU A 6 18.97 -1.16 -2.94
CA LEU A 6 17.54 -1.35 -2.72
C LEU A 6 17.23 -1.54 -1.24
N ALA A 7 18.02 -2.37 -0.57
CA ALA A 7 17.82 -2.60 0.86
C ALA A 7 17.77 -1.30 1.66
N ARG A 8 18.68 -0.40 1.33
CA ARG A 8 18.78 0.90 2.00
C ARG A 8 17.55 1.77 1.84
N GLN A 9 16.97 1.78 0.65
CA GLN A 9 15.77 2.55 0.37
C GLN A 9 14.57 1.95 1.10
N ILE A 10 14.50 0.63 1.12
CA ILE A 10 13.41 -0.06 1.79
C ILE A 10 13.33 0.33 3.25
N ILE A 11 14.47 0.36 3.94
CA ILE A 11 14.46 0.74 5.34
C ILE A 11 14.11 2.21 5.49
N ASP A 12 14.65 3.03 4.59
CA ASP A 12 14.38 4.46 4.63
C ASP A 12 12.90 4.74 4.56
N THR A 13 12.24 4.05 3.63
CA THR A 13 10.81 4.14 3.42
C THR A 13 10.05 3.81 4.72
N CYS A 14 10.47 2.75 5.41
CA CYS A 14 9.83 2.35 6.67
C CYS A 14 10.02 3.47 7.70
N LEU A 15 11.19 4.09 7.66
CA LEU A 15 11.53 5.17 8.60
C LEU A 15 10.77 6.43 8.28
N GLU A 16 10.59 6.67 6.99
CA GLU A 16 9.87 7.82 6.53
C GLU A 16 8.40 7.70 6.84
N MET A 17 7.85 6.48 6.78
CA MET A 17 6.43 6.28 7.07
C MET A 17 6.13 6.54 8.51
N THR A 18 7.06 6.16 9.38
CA THR A 18 6.89 6.39 10.81
C THR A 18 7.02 7.89 11.03
N ARG A 19 7.95 8.49 10.29
CA ARG A 19 8.22 9.91 10.38
C ARG A 19 7.01 10.77 9.94
N LEU A 20 6.26 10.28 8.95
CA LEU A 20 5.09 11.00 8.44
C LEU A 20 3.79 10.71 9.19
N GLY A 21 3.84 9.72 10.08
CA GLY A 21 2.65 9.33 10.84
C GLY A 21 1.75 8.39 10.06
N LEU A 22 2.31 7.71 9.07
CA LEU A 22 1.56 6.77 8.25
C LEU A 22 1.69 5.35 8.76
N ASN A 23 2.41 5.16 9.84
CA ASN A 23 2.62 3.81 10.34
C ASN A 23 3.41 3.87 11.63
N GLN A 24 3.16 2.93 12.52
CA GLN A 24 3.90 2.86 13.78
C GLN A 24 3.71 1.49 14.41
N GLY A 25 4.72 1.05 15.16
CA GLY A 25 4.67 -0.25 15.79
C GLY A 25 5.41 -1.26 14.94
N THR A 26 4.93 -2.49 14.95
CA THR A 26 5.53 -3.56 14.16
C THR A 26 4.70 -3.78 12.89
N ALA A 27 3.73 -2.91 12.68
CA ALA A 27 2.86 -2.97 11.52
C ALA A 27 3.55 -2.53 10.24
N GLY A 28 3.01 -2.93 9.11
CA GLY A 28 3.59 -2.53 7.85
C GLY A 28 4.70 -3.39 7.28
N ASN A 29 4.86 -3.28 5.98
CA ASN A 29 5.87 -4.00 5.23
C ASN A 29 6.09 -3.30 3.89
N VAL A 30 7.29 -3.43 3.37
CA VAL A 30 7.62 -2.79 2.11
C VAL A 30 8.49 -3.73 1.33
N SER A 31 8.34 -3.68 0.01
CA SER A 31 9.12 -4.50 -0.92
C SER A 31 9.35 -3.78 -2.24
N VAL A 32 10.35 -4.25 -3.00
CA VAL A 32 10.65 -3.73 -4.34
C VAL A 32 10.76 -4.93 -5.22
N ARG A 33 10.46 -4.75 -6.49
CA ARG A 33 10.54 -5.84 -7.45
C ARG A 33 12.04 -6.02 -7.62
N TYR A 34 12.51 -7.25 -7.49
CA TYR A 34 13.93 -7.56 -7.65
C TYR A 34 14.09 -8.88 -8.38
N GLN A 35 14.89 -8.86 -9.45
CA GLN A 35 15.11 -10.05 -10.28
C GLN A 35 13.75 -10.67 -10.57
N ASP A 36 13.68 -11.99 -10.54
CA ASP A 36 12.44 -12.69 -10.78
C ASP A 36 11.41 -12.48 -9.66
N GLY A 37 11.89 -12.18 -8.45
CA GLY A 37 10.98 -11.98 -7.33
C GLY A 37 10.91 -10.58 -6.77
N MET A 38 11.35 -10.44 -5.52
CA MET A 38 11.31 -9.14 -4.85
C MET A 38 12.16 -9.15 -3.59
N LEU A 39 12.42 -7.96 -3.06
CA LEU A 39 13.16 -7.77 -1.81
C LEU A 39 12.07 -7.22 -0.88
N ILE A 40 11.91 -7.82 0.29
CA ILE A 40 10.87 -7.43 1.22
C ILE A 40 11.36 -7.42 2.65
N THR A 41 10.79 -6.52 3.45
CA THR A 41 11.15 -6.40 4.84
C THR A 41 10.84 -7.69 5.56
N PRO A 42 11.55 -7.96 6.65
CA PRO A 42 11.30 -9.19 7.40
C PRO A 42 10.20 -9.00 8.43
N THR A 43 9.56 -10.12 8.74
CA THR A 43 8.45 -10.15 9.68
C THR A 43 8.83 -9.83 11.12
N GLY A 44 8.16 -8.81 11.66
CA GLY A 44 8.34 -8.40 13.03
C GLY A 44 9.65 -7.82 13.55
N ILE A 45 10.41 -7.14 12.70
CA ILE A 45 11.65 -6.54 13.18
C ILE A 45 11.53 -5.03 13.06
N PRO A 46 11.54 -4.32 14.20
CA PRO A 46 11.43 -2.87 14.28
C PRO A 46 12.30 -2.18 13.26
N TYR A 47 11.71 -1.17 12.64
CA TYR A 47 12.37 -0.39 11.61
C TYR A 47 13.70 0.16 12.11
N GLU A 48 13.80 0.36 13.42
CA GLU A 48 15.00 0.90 14.05
C GLU A 48 16.15 -0.10 14.13
N LYS A 49 15.79 -1.38 14.13
CA LYS A 49 16.79 -2.44 14.21
C LYS A 49 17.09 -3.09 12.87
N LEU A 50 16.46 -2.56 11.82
CA LEU A 50 16.63 -3.08 10.47
C LEU A 50 17.92 -2.66 9.79
N THR A 51 18.49 -3.57 9.02
CA THR A 51 19.71 -3.35 8.25
C THR A 51 19.60 -4.11 6.93
N GLU A 52 20.39 -3.70 5.94
CA GLU A 52 20.38 -4.33 4.62
C GLU A 52 20.44 -5.85 4.64
N SER A 53 21.06 -6.38 5.69
CA SER A 53 21.24 -7.83 5.87
C SER A 53 19.95 -8.53 6.27
N HIS A 54 19.01 -7.77 6.80
CA HIS A 54 17.72 -8.31 7.23
C HIS A 54 16.74 -8.39 6.07
N ILE A 55 16.91 -7.54 5.06
CA ILE A 55 16.03 -7.58 3.90
C ILE A 55 16.13 -8.97 3.29
N VAL A 56 14.97 -9.52 2.92
CA VAL A 56 14.85 -10.88 2.39
C VAL A 56 14.54 -10.94 0.88
N PHE A 57 15.09 -11.91 0.18
CA PHE A 57 14.81 -12.08 -1.25
C PHE A 57 13.93 -13.29 -1.40
N ILE A 58 12.85 -13.13 -2.14
CA ILE A 58 11.93 -14.22 -2.42
C ILE A 58 11.92 -14.34 -3.93
N ASP A 59 12.09 -15.55 -4.45
CA ASP A 59 12.09 -15.73 -5.90
C ASP A 59 10.69 -15.90 -6.46
N GLY A 60 10.64 -16.18 -7.76
CA GLY A 60 9.39 -16.36 -8.45
C GLY A 60 8.53 -17.49 -7.92
N ASN A 61 9.13 -18.43 -7.19
CA ASN A 61 8.36 -19.54 -6.65
C ASN A 61 7.92 -19.31 -5.21
N GLY A 62 8.39 -18.22 -4.62
CA GLY A 62 8.05 -17.94 -3.25
C GLY A 62 9.15 -18.45 -2.33
N LYS A 63 10.29 -18.79 -2.92
CA LYS A 63 11.42 -19.26 -2.13
C LYS A 63 12.23 -18.11 -1.56
N HIS A 64 12.16 -18.00 -0.24
CA HIS A 64 12.90 -16.98 0.46
C HIS A 64 14.24 -17.59 0.82
N GLU A 65 15.28 -16.78 0.79
CA GLU A 65 16.62 -17.23 1.13
C GLU A 65 16.62 -17.78 2.55
N GLU A 66 17.37 -18.86 2.74
CA GLU A 66 17.46 -19.52 4.04
C GLU A 66 17.81 -18.65 5.21
N GLY A 67 17.38 -19.10 6.39
CA GLY A 67 17.65 -18.42 7.64
C GLY A 67 17.06 -17.05 7.82
N LYS A 68 16.14 -16.67 6.92
CA LYS A 68 15.48 -15.37 6.98
C LYS A 68 13.98 -15.57 6.86
N LEU A 69 13.23 -14.83 7.66
CA LEU A 69 11.77 -14.92 7.62
C LEU A 69 11.17 -13.66 6.98
N PRO A 70 10.57 -13.81 5.78
CA PRO A 70 9.98 -12.66 5.08
C PRO A 70 8.69 -12.20 5.76
N SER A 71 8.23 -11.02 5.39
CA SER A 71 7.00 -10.47 5.95
C SER A 71 5.86 -11.44 5.74
N SER A 72 5.03 -11.60 6.76
CA SER A 72 3.87 -12.48 6.72
C SER A 72 2.96 -12.16 5.52
N GLU A 73 3.05 -10.92 5.06
CA GLU A 73 2.23 -10.48 3.95
C GLU A 73 2.90 -10.66 2.61
N TRP A 74 4.03 -11.34 2.54
CA TRP A 74 4.71 -11.48 1.26
C TRP A 74 3.83 -11.94 0.11
N ARG A 75 2.80 -12.71 0.41
CA ARG A 75 1.94 -13.21 -0.65
C ARG A 75 1.16 -12.10 -1.38
N PHE A 76 0.70 -11.08 -0.64
CA PHE A 76 -0.04 -10.00 -1.26
C PHE A 76 0.83 -8.94 -1.92
N HIS A 77 2.14 -9.03 -1.73
CA HIS A 77 3.06 -8.13 -2.39
C HIS A 77 3.24 -8.79 -3.74
N MET A 78 3.27 -10.12 -3.70
CA MET A 78 3.40 -10.98 -4.87
C MET A 78 2.26 -10.66 -5.82
N ALA A 79 1.05 -10.83 -5.31
CA ALA A 79 -0.17 -10.58 -6.07
C ALA A 79 -0.22 -9.15 -6.59
N ALA A 80 0.37 -8.21 -5.88
CA ALA A 80 0.39 -6.82 -6.30
C ALA A 80 1.21 -6.62 -7.57
N TYR A 81 2.39 -7.23 -7.61
CA TYR A 81 3.27 -7.13 -8.77
C TYR A 81 2.74 -7.87 -9.97
N GLN A 82 1.87 -8.85 -9.74
CA GLN A 82 1.26 -9.64 -10.82
C GLN A 82 0.04 -8.90 -11.36
N SER A 83 -0.65 -8.18 -10.47
CA SER A 83 -1.84 -7.43 -10.84
C SER A 83 -1.46 -6.11 -11.51
N ARG A 84 -0.33 -5.54 -11.09
CA ARG A 84 0.16 -4.29 -11.63
C ARG A 84 1.61 -4.43 -12.06
N PRO A 85 1.84 -4.85 -13.32
CA PRO A 85 3.14 -5.08 -13.96
C PRO A 85 3.92 -3.80 -14.17
N ASP A 86 3.21 -2.70 -14.03
CA ASP A 86 3.75 -1.37 -14.17
C ASP A 86 4.32 -0.91 -12.85
N ALA A 87 4.03 -1.65 -11.78
CA ALA A 87 4.48 -1.29 -10.44
C ALA A 87 5.78 -1.98 -10.01
N ASN A 88 6.70 -1.22 -9.43
CA ASN A 88 7.98 -1.75 -8.96
C ASN A 88 8.18 -1.68 -7.44
N ALA A 89 7.25 -1.05 -6.73
CA ALA A 89 7.34 -0.95 -5.27
C ALA A 89 5.97 -1.01 -4.60
N VAL A 90 5.88 -1.75 -3.49
CA VAL A 90 4.64 -1.87 -2.74
C VAL A 90 4.90 -1.41 -1.31
N VAL A 91 3.96 -0.64 -0.78
CA VAL A 91 4.05 -0.10 0.57
C VAL A 91 2.75 -0.49 1.27
N HIS A 92 2.90 -1.04 2.48
CA HIS A 92 1.76 -1.44 3.28
C HIS A 92 1.90 -0.88 4.69
N ASN A 93 0.85 -0.29 5.20
CA ASN A 93 0.89 0.24 6.54
C ASN A 93 -0.47 0.22 7.18
N HIS A 94 -0.51 0.45 8.49
CA HIS A 94 -1.79 0.51 9.21
C HIS A 94 -2.06 1.98 9.61
N ALA A 95 -1.95 2.88 8.63
CA ALA A 95 -2.19 4.31 8.83
C ALA A 95 -3.61 4.50 9.42
N VAL A 96 -3.67 5.26 10.52
CA VAL A 96 -4.90 5.55 11.28
C VAL A 96 -6.21 5.86 10.53
N HIS A 97 -6.18 6.86 9.66
CA HIS A 97 -7.38 7.23 8.91
C HIS A 97 -7.78 6.23 7.83
N CYS A 98 -6.81 5.69 7.11
CA CYS A 98 -7.08 4.69 6.07
C CYS A 98 -7.70 3.46 6.73
N THR A 99 -7.19 3.11 7.91
CA THR A 99 -7.68 1.94 8.64
C THR A 99 -9.09 2.11 9.21
N ALA A 100 -9.43 3.34 9.66
CA ALA A 100 -10.77 3.62 10.20
C ALA A 100 -11.82 3.52 9.07
N VAL A 101 -11.51 4.07 7.91
CA VAL A 101 -12.41 3.98 6.78
C VAL A 101 -12.57 2.49 6.41
N SER A 102 -11.52 1.70 6.56
CA SER A 102 -11.58 0.27 6.22
C SER A 102 -12.43 -0.51 7.25
N ILE A 103 -12.50 -0.02 8.48
CA ILE A 103 -13.33 -0.64 9.50
C ILE A 103 -14.78 -0.37 9.11
N LEU A 104 -15.03 0.80 8.55
CA LEU A 104 -16.36 1.18 8.08
C LEU A 104 -16.71 0.44 6.78
N ASN A 105 -15.70 -0.19 6.20
CA ASN A 105 -15.84 -0.93 4.94
C ASN A 105 -16.42 -0.08 3.82
N ARG A 106 -15.82 1.09 3.62
CA ARG A 106 -16.24 2.02 2.56
C ARG A 106 -15.11 2.33 1.57
N SER A 107 -15.49 2.58 0.33
CA SER A 107 -14.51 3.00 -0.65
C SER A 107 -14.40 4.49 -0.34
N ILE A 108 -13.28 5.12 -0.68
CA ILE A 108 -13.20 6.56 -0.46
C ILE A 108 -13.61 7.15 -1.82
N PRO A 109 -14.64 8.00 -1.83
CA PRO A 109 -15.14 8.65 -3.04
C PRO A 109 -14.37 9.88 -3.52
N ALA A 110 -14.87 10.47 -4.61
CA ALA A 110 -14.29 11.65 -5.25
C ALA A 110 -14.52 12.94 -4.47
N ILE A 111 -14.02 13.00 -3.25
CA ILE A 111 -14.19 14.21 -2.44
C ILE A 111 -13.15 15.29 -2.74
N HIS A 112 -12.09 14.90 -3.42
CA HIS A 112 -11.04 15.81 -3.76
C HIS A 112 -10.47 15.36 -5.11
N TYR A 113 -10.00 16.30 -5.92
CA TYR A 113 -9.48 15.96 -7.24
C TYR A 113 -8.23 15.08 -7.22
N MET A 114 -7.55 15.01 -6.07
CA MET A 114 -6.35 14.19 -5.94
C MET A 114 -6.64 12.71 -5.89
N ILE A 115 -7.92 12.35 -5.78
CA ILE A 115 -8.35 10.95 -5.76
C ILE A 115 -7.86 10.31 -7.04
N ALA A 116 -7.74 11.13 -8.09
CA ALA A 116 -7.30 10.69 -9.39
C ALA A 116 -5.88 10.17 -9.34
N ALA A 117 -5.16 10.51 -8.27
CA ALA A 117 -3.78 10.04 -8.08
C ALA A 117 -3.72 8.50 -7.97
N ALA A 118 -4.77 7.86 -7.45
CA ALA A 118 -4.77 6.39 -7.35
C ALA A 118 -5.24 5.71 -8.66
N GLY A 119 -5.42 6.51 -9.71
CA GLY A 119 -5.83 5.97 -11.00
C GLY A 119 -7.30 5.98 -11.39
N GLY A 120 -8.16 6.51 -10.53
CA GLY A 120 -9.58 6.55 -10.85
C GLY A 120 -10.40 7.55 -10.05
N ASN A 121 -11.63 7.20 -9.75
CA ASN A 121 -12.51 8.07 -8.99
C ASN A 121 -12.83 7.48 -7.61
N SER A 122 -11.98 6.58 -7.13
CA SER A 122 -12.18 5.95 -5.84
C SER A 122 -10.96 5.21 -5.36
N ILE A 123 -10.97 4.91 -4.07
CA ILE A 123 -9.93 4.14 -3.42
C ILE A 123 -10.84 3.03 -2.94
N PRO A 124 -10.65 1.81 -3.45
CA PRO A 124 -11.53 0.74 -3.00
C PRO A 124 -11.20 0.16 -1.62
N CYS A 125 -12.08 -0.70 -1.13
CA CYS A 125 -11.84 -1.36 0.14
C CYS A 125 -11.98 -2.84 -0.13
N ALA A 126 -10.91 -3.59 0.06
CA ALA A 126 -10.94 -5.02 -0.19
C ALA A 126 -11.43 -5.86 0.99
N PRO A 127 -12.35 -6.81 0.72
CA PRO A 127 -12.92 -7.69 1.74
C PRO A 127 -11.88 -8.32 2.66
N TYR A 128 -12.22 -8.41 3.94
CA TYR A 128 -11.33 -8.98 4.93
C TYR A 128 -11.02 -10.43 4.67
N ALA A 129 -9.85 -10.84 5.11
CA ALA A 129 -9.38 -12.21 5.04
C ALA A 129 -8.23 -12.20 6.08
N THR A 130 -8.01 -13.32 6.80
CA THR A 130 -6.93 -13.37 7.80
C THR A 130 -5.60 -12.86 7.22
N PHE A 131 -4.87 -12.07 7.99
CA PHE A 131 -3.61 -11.50 7.53
C PHE A 131 -2.68 -12.64 7.15
N GLY A 132 -1.79 -12.37 6.19
CA GLY A 132 -0.81 -13.36 5.74
C GLY A 132 -1.42 -14.63 5.16
N THR A 133 -2.62 -14.48 4.63
CA THR A 133 -3.38 -15.57 4.05
C THR A 133 -3.40 -15.45 2.53
N ARG A 134 -3.53 -16.59 1.85
CA ARG A 134 -3.58 -16.61 0.40
C ARG A 134 -4.88 -16.03 -0.11
N GLU A 135 -5.96 -16.19 0.66
CA GLU A 135 -7.24 -15.63 0.26
C GLU A 135 -7.21 -14.10 0.32
N LEU A 136 -6.36 -13.56 1.20
CA LEU A 136 -6.20 -12.13 1.36
C LEU A 136 -5.53 -11.62 0.09
N SER A 137 -4.64 -12.45 -0.47
CA SER A 137 -3.93 -12.10 -1.68
C SER A 137 -4.89 -11.98 -2.85
N GLU A 138 -5.87 -12.87 -2.95
CA GLU A 138 -6.85 -12.83 -4.03
C GLU A 138 -7.68 -11.55 -3.96
N HIS A 139 -8.00 -11.11 -2.75
CA HIS A 139 -8.76 -9.91 -2.53
C HIS A 139 -7.98 -8.64 -2.99
N VAL A 140 -6.72 -8.48 -2.57
CA VAL A 140 -5.94 -7.30 -2.98
C VAL A 140 -5.66 -7.31 -4.47
N ALA A 141 -5.24 -8.46 -5.02
CA ALA A 141 -4.96 -8.59 -6.46
C ALA A 141 -6.12 -8.09 -7.28
N LEU A 142 -7.31 -8.49 -6.88
CA LEU A 142 -8.54 -8.08 -7.56
C LEU A 142 -8.81 -6.58 -7.44
N ALA A 143 -8.49 -6.00 -6.29
CA ALA A 143 -8.71 -4.58 -6.07
C ALA A 143 -7.73 -3.69 -6.80
N LEU A 144 -6.49 -4.17 -6.97
CA LEU A 144 -5.42 -3.39 -7.62
C LEU A 144 -5.39 -3.48 -9.12
N LYS A 145 -6.29 -4.27 -9.67
CA LYS A 145 -6.35 -4.45 -11.11
C LYS A 145 -6.51 -3.09 -11.79
N ASN A 146 -7.43 -2.28 -11.27
CA ASN A 146 -7.69 -0.96 -11.87
C ASN A 146 -7.41 0.25 -10.97
N ARG A 147 -6.72 0.02 -9.84
CA ARG A 147 -6.38 1.08 -8.90
C ARG A 147 -4.96 0.81 -8.41
N LYS A 148 -4.23 1.87 -8.08
CA LYS A 148 -2.87 1.75 -7.55
C LYS A 148 -2.83 1.59 -6.01
N ALA A 149 -3.96 1.79 -5.35
CA ALA A 149 -4.02 1.68 -3.90
C ALA A 149 -5.35 1.10 -3.51
N THR A 150 -5.33 0.34 -2.42
CA THR A 150 -6.54 -0.25 -1.91
C THR A 150 -6.44 -0.33 -0.38
N LEU A 151 -7.58 -0.13 0.27
CA LEU A 151 -7.69 -0.26 1.71
C LEU A 151 -7.97 -1.75 1.88
N LEU A 152 -7.71 -2.26 3.08
CA LEU A 152 -7.92 -3.66 3.43
C LEU A 152 -8.93 -3.61 4.58
N GLN A 153 -10.11 -4.19 4.40
CA GLN A 153 -11.11 -4.14 5.46
C GLN A 153 -10.59 -4.62 6.82
N HIS A 154 -10.84 -3.83 7.87
CA HIS A 154 -10.40 -4.16 9.23
C HIS A 154 -8.91 -4.38 9.28
N HIS A 155 -8.15 -3.76 8.38
CA HIS A 155 -6.70 -3.99 8.39
C HIS A 155 -5.83 -2.76 8.18
N GLY A 156 -5.80 -2.24 6.96
CA GLY A 156 -4.97 -1.08 6.68
C GLY A 156 -5.02 -0.59 5.26
N LEU A 157 -3.86 -0.23 4.72
CA LEU A 157 -3.75 0.30 3.37
C LEU A 157 -2.56 -0.28 2.62
N ILE A 158 -2.72 -0.48 1.32
CA ILE A 158 -1.64 -0.95 0.47
C ILE A 158 -1.59 -0.12 -0.82
N ALA A 159 -0.44 0.52 -1.07
CA ALA A 159 -0.24 1.35 -2.26
C ALA A 159 1.03 0.98 -2.99
N CYS A 160 0.96 0.98 -4.31
CA CYS A 160 2.10 0.64 -5.12
C CYS A 160 2.26 1.55 -6.33
N GLU A 161 3.52 1.79 -6.72
CA GLU A 161 3.85 2.65 -7.84
C GLU A 161 5.15 2.18 -8.52
N VAL A 162 5.68 3.01 -9.39
CA VAL A 162 6.90 2.69 -10.15
C VAL A 162 8.17 2.64 -9.33
N ASN A 163 8.16 3.25 -8.16
CA ASN A 163 9.32 3.20 -7.28
C ASN A 163 8.89 3.56 -5.86
N LEU A 164 9.75 3.29 -4.89
CA LEU A 164 9.46 3.54 -3.48
C LEU A 164 9.04 4.93 -3.06
N GLU A 165 9.61 5.95 -3.68
CA GLU A 165 9.23 7.29 -3.28
C GLU A 165 7.88 7.67 -3.84
N LYS A 166 7.54 7.18 -5.04
CA LYS A 166 6.22 7.46 -5.62
C LYS A 166 5.16 6.62 -4.91
N ALA A 167 5.60 5.48 -4.37
CA ALA A 167 4.74 4.55 -3.63
C ALA A 167 4.45 5.14 -2.24
N LEU A 168 5.45 5.80 -1.65
CA LEU A 168 5.32 6.43 -0.34
C LEU A 168 4.46 7.70 -0.46
N TRP A 169 4.71 8.47 -1.52
CA TRP A 169 3.96 9.67 -1.79
C TRP A 169 2.48 9.35 -1.89
N LEU A 170 2.16 8.34 -2.70
CA LEU A 170 0.79 7.89 -2.91
C LEU A 170 0.12 7.44 -1.60
N ALA A 171 0.81 6.60 -0.81
CA ALA A 171 0.29 6.12 0.47
C ALA A 171 0.00 7.31 1.37
N HIS A 172 0.85 8.32 1.32
CA HIS A 172 0.71 9.50 2.14
C HIS A 172 -0.49 10.31 1.73
N GLU A 173 -0.68 10.39 0.42
CA GLU A 173 -1.78 11.11 -0.19
C GLU A 173 -3.12 10.47 0.21
N VAL A 174 -3.15 9.13 0.27
CA VAL A 174 -4.36 8.42 0.63
C VAL A 174 -4.75 8.62 2.11
N GLU A 175 -3.76 8.87 2.98
CA GLU A 175 -4.00 9.15 4.40
C GLU A 175 -4.68 10.50 4.52
N VAL A 176 -4.27 11.43 3.67
CA VAL A 176 -4.89 12.76 3.62
C VAL A 176 -6.34 12.58 3.15
N LEU A 177 -6.57 11.91 2.02
CA LEU A 177 -7.94 11.67 1.49
C LEU A 177 -8.82 10.93 2.52
N ALA A 178 -8.25 9.95 3.22
CA ALA A 178 -9.01 9.21 4.22
C ALA A 178 -9.36 10.13 5.41
N GLN A 179 -8.48 11.06 5.74
CA GLN A 179 -8.73 11.99 6.82
C GLN A 179 -9.78 13.07 6.47
N LEU A 180 -9.80 13.46 5.19
CA LEU A 180 -10.76 14.45 4.73
C LEU A 180 -12.14 13.80 4.73
N TYR A 181 -12.15 12.51 4.43
CA TYR A 181 -13.36 11.72 4.37
C TYR A 181 -13.98 11.52 5.76
N LEU A 182 -13.20 11.03 6.71
CA LEU A 182 -13.69 10.85 8.09
C LEU A 182 -14.18 12.13 8.78
N THR A 183 -13.47 13.24 8.53
CA THR A 183 -13.81 14.56 9.11
C THR A 183 -15.12 15.14 8.57
N THR A 184 -15.35 15.03 7.26
CA THR A 184 -16.57 15.56 6.68
C THR A 184 -17.77 14.63 6.86
N LEU A 185 -17.51 13.32 6.93
CA LEU A 185 -18.56 12.30 7.09
C LEU A 185 -19.18 12.33 8.50
N ALA A 186 -18.43 12.86 9.45
CA ALA A 186 -18.91 12.99 10.81
C ALA A 186 -19.88 14.17 10.87
N ILE A 187 -19.75 15.10 9.93
CA ILE A 187 -20.62 16.27 9.88
C ILE A 187 -21.74 16.09 8.85
N THR A 188 -21.48 15.32 7.79
CA THR A 188 -22.48 15.10 6.75
C THR A 188 -22.33 13.78 6.04
N ASP A 189 -23.48 13.18 5.71
CA ASP A 189 -23.53 11.89 5.03
C ASP A 189 -24.75 11.91 4.10
N PRO A 190 -24.52 11.79 2.78
CA PRO A 190 -23.23 11.64 2.08
C PRO A 190 -22.40 12.92 1.95
N VAL A 191 -21.09 12.73 1.85
CA VAL A 191 -20.16 13.83 1.69
C VAL A 191 -20.15 14.19 0.22
N PRO A 192 -20.24 15.49 -0.12
CA PRO A 192 -20.23 15.97 -1.51
C PRO A 192 -19.04 15.44 -2.30
N VAL A 193 -19.25 15.11 -3.56
CA VAL A 193 -18.17 14.58 -4.40
C VAL A 193 -18.10 15.29 -5.76
N LEU A 194 -16.96 15.20 -6.44
CA LEU A 194 -16.85 15.79 -7.75
C LEU A 194 -17.49 14.73 -8.65
N SER A 195 -18.04 15.16 -9.78
CA SER A 195 -18.66 14.21 -10.69
C SER A 195 -17.62 13.39 -11.43
N ASP A 196 -18.03 12.26 -11.98
CA ASP A 196 -17.15 11.39 -12.70
C ASP A 196 -16.61 12.06 -13.93
N GLU A 197 -17.41 12.94 -14.51
CA GLU A 197 -16.96 13.66 -15.68
C GLU A 197 -15.77 14.55 -15.27
N GLU A 198 -15.93 15.26 -14.16
CA GLU A 198 -14.87 16.12 -13.65
C GLU A 198 -13.63 15.28 -13.37
N ILE A 199 -13.79 14.14 -12.74
CA ILE A 199 -12.64 13.29 -12.46
C ILE A 199 -11.97 12.89 -13.76
N ALA A 200 -12.76 12.65 -14.80
CA ALA A 200 -12.22 12.27 -16.11
C ALA A 200 -11.26 13.37 -16.60
N VAL A 201 -11.73 14.63 -16.52
CA VAL A 201 -10.94 15.78 -16.93
C VAL A 201 -9.63 15.84 -16.15
N VAL A 202 -9.71 15.71 -14.81
CA VAL A 202 -8.55 15.75 -13.93
C VAL A 202 -7.59 14.63 -14.29
N LEU A 203 -8.12 13.47 -14.65
CA LEU A 203 -7.26 12.36 -15.02
C LEU A 203 -6.57 12.67 -16.32
N GLU A 204 -7.19 13.50 -17.15
CA GLU A 204 -6.59 13.87 -18.42
C GLU A 204 -5.44 14.81 -18.19
N LYS A 205 -5.61 15.73 -17.25
CA LYS A 205 -4.57 16.69 -16.92
C LYS A 205 -3.39 16.08 -16.15
N PHE A 206 -3.61 14.92 -15.55
CA PHE A 206 -2.55 14.26 -14.79
C PHE A 206 -1.49 13.59 -15.68
#